data_7Z1Y
#
_entry.id   7Z1Y
#
_cell.length_a   45.230
_cell.length_b   68.330
_cell.length_c   158.650
_cell.angle_alpha   90.000
_cell.angle_beta   90.000
_cell.angle_gamma   90.000
#
_symmetry.space_group_name_H-M   'P 21 21 21'
#
loop_
_entity.id
_entity.type
_entity.pdbx_description
1 polymer 'Protein mono-ADP-ribosyltransferase PARP15'
2 non-polymer [1,2,4]triazolo[3,4-b][1,3]benzothiazol-6-ol
3 non-polymer 'DIMETHYL SULFOXIDE'
4 water water
#
_entity_poly.entity_id   1
_entity_poly.type   'polypeptide(L)'
_entity_poly.pdbx_seq_one_letter_code
;MHHHHHHSSGVDLGTENLYFQSMNLPEHWTDMNHQLFCMVQLEPGQSEYNTIKDKFTRTCSSYAIEKIERIQNAFLWQSY
QVKKRQMDIKNDHKNNERLLFHGTDADSVPYVNQHGFNRSCAGKNAVSYGKGTYFAVDASYSAKDTYSKPDSNGRKHMYV
VRVLTGVFTKGRAGLVTPPPKNPHNPTDLFDSVTNNTRSPKLFVVFFDNQAYPEYLITFTA
;
_entity_poly.pdbx_strand_id   A,B
#
# COMPACT_ATOMS: atom_id res chain seq x y z
N ASN A 24 7.30 -0.50 19.13
CA ASN A 24 6.79 -1.52 20.12
C ASN A 24 6.97 -2.91 19.50
N LEU A 25 8.23 -3.36 19.48
CA LEU A 25 8.76 -4.47 18.63
C LEU A 25 8.69 -5.78 19.42
N PRO A 26 8.17 -6.88 18.84
CA PRO A 26 7.87 -8.12 19.57
C PRO A 26 8.95 -8.68 20.51
N GLU A 27 8.52 -9.52 21.46
CA GLU A 27 9.38 -10.24 22.46
C GLU A 27 10.45 -11.10 21.76
N HIS A 28 10.01 -12.10 20.97
CA HIS A 28 10.86 -13.12 20.30
C HIS A 28 11.89 -12.46 19.38
N TRP A 29 11.81 -11.16 19.13
CA TRP A 29 12.85 -10.49 18.32
C TRP A 29 14.10 -10.36 19.17
N THR A 30 15.25 -10.30 18.53
CA THR A 30 16.52 -10.11 19.26
C THR A 30 17.00 -8.71 18.90
N ASP A 31 17.83 -8.15 19.76
CA ASP A 31 18.32 -6.75 19.72
C ASP A 31 18.99 -6.48 18.37
N MET A 32 18.87 -5.25 17.85
CA MET A 32 19.28 -4.96 16.46
C MET A 32 20.33 -3.84 16.47
N ASN A 33 20.96 -3.60 17.62
CA ASN A 33 22.00 -2.55 17.75
C ASN A 33 21.42 -1.26 17.19
N HIS A 34 20.17 -0.96 17.54
CA HIS A 34 19.52 0.34 17.21
C HIS A 34 19.27 0.45 15.70
N GLN A 35 19.35 -0.66 14.95
CA GLN A 35 19.00 -0.68 13.51
C GLN A 35 17.55 -1.17 13.34
N LEU A 36 17.01 -1.01 12.14
CA LEU A 36 15.55 -1.14 11.90
C LEU A 36 15.26 -2.40 11.08
N PHE A 37 16.30 -3.14 10.67
CA PHE A 37 16.14 -4.33 9.79
C PHE A 37 17.27 -5.35 10.02
N CYS A 38 16.90 -6.61 10.20
CA CYS A 38 17.86 -7.73 10.37
C CYS A 38 17.15 -9.04 10.03
N MET A 39 17.84 -9.92 9.30
CA MET A 39 17.44 -11.34 9.12
C MET A 39 18.18 -12.16 10.17
N VAL A 40 17.47 -12.85 11.06
CA VAL A 40 18.10 -13.61 12.17
C VAL A 40 17.93 -15.10 11.87
N GLN A 41 19.04 -15.81 11.61
CA GLN A 41 19.05 -17.28 11.44
C GLN A 41 18.62 -17.92 12.76
N LEU A 42 17.57 -18.76 12.76
CA LEU A 42 17.12 -19.53 13.95
C LEU A 42 18.08 -20.71 14.25
N GLU A 43 18.17 -21.09 15.53
CA GLU A 43 18.95 -22.25 16.03
C GLU A 43 18.09 -23.49 15.89
N PRO A 44 18.52 -24.54 15.11
CA PRO A 44 17.81 -25.81 15.08
C PRO A 44 17.69 -26.44 16.47
N GLY A 45 16.54 -27.05 16.75
CA GLY A 45 16.26 -27.73 18.03
C GLY A 45 15.55 -26.86 19.03
N GLN A 46 15.62 -25.53 18.92
CA GLN A 46 14.91 -24.63 19.87
C GLN A 46 13.47 -24.48 19.41
N SER A 47 12.61 -24.05 20.35
CA SER A 47 11.12 -23.94 20.29
C SER A 47 10.67 -23.18 19.03
N GLU A 48 11.19 -21.99 18.79
CA GLU A 48 10.78 -21.13 17.66
C GLU A 48 11.02 -21.86 16.33
N TYR A 49 12.24 -22.35 16.09
CA TYR A 49 12.61 -23.17 14.90
C TYR A 49 11.68 -24.39 14.80
N ASN A 50 11.38 -25.05 15.92
CA ASN A 50 10.59 -26.31 15.96
C ASN A 50 9.13 -26.00 15.57
N THR A 51 8.58 -24.90 16.06
CA THR A 51 7.18 -24.51 15.72
C THR A 51 7.08 -24.29 14.21
N ILE A 52 7.99 -23.50 13.65
CA ILE A 52 7.91 -23.08 12.22
C ILE A 52 8.22 -24.30 11.34
N LYS A 53 9.29 -25.05 11.63
CA LYS A 53 9.59 -26.33 10.93
C LYS A 53 8.36 -27.24 10.89
N ASP A 54 7.61 -27.35 11.99
CA ASP A 54 6.47 -28.29 12.05
C ASP A 54 5.34 -27.80 11.14
N LYS A 55 5.13 -26.49 11.01
CA LYS A 55 4.07 -25.93 10.11
C LYS A 55 4.38 -26.33 8.67
N PHE A 56 5.64 -26.22 8.29
CA PHE A 56 6.18 -26.62 6.96
C PHE A 56 6.07 -28.13 6.74
N THR A 57 6.50 -28.94 7.71
CA THR A 57 6.70 -30.40 7.51
C THR A 57 5.33 -31.11 7.51
N ARG A 58 4.26 -30.45 7.98
CA ARG A 58 2.87 -30.97 7.90
C ARG A 58 2.53 -31.43 6.46
N THR A 59 3.01 -30.73 5.44
CA THR A 59 2.73 -31.05 4.02
C THR A 59 4.04 -31.16 3.22
N CYS A 60 5.19 -30.79 3.80
CA CYS A 60 6.49 -30.68 3.08
C CYS A 60 7.58 -31.50 3.80
N SER A 61 7.21 -32.62 4.43
CA SER A 61 8.16 -33.49 5.19
C SER A 61 9.14 -34.20 4.25
N SER A 62 8.94 -34.19 2.92
CA SER A 62 9.87 -34.81 1.93
C SER A 62 10.94 -33.82 1.45
N TYR A 63 10.89 -32.56 1.84
CA TYR A 63 11.89 -31.52 1.46
C TYR A 63 12.95 -31.41 2.58
N ALA A 64 14.19 -30.99 2.27
CA ALA A 64 15.25 -30.72 3.25
C ALA A 64 15.29 -29.22 3.60
N ILE A 65 15.13 -28.85 4.88
CA ILE A 65 15.29 -27.45 5.36
C ILE A 65 16.78 -27.17 5.58
N GLU A 66 17.30 -26.15 4.90
CA GLU A 66 18.70 -25.70 5.04
C GLU A 66 18.77 -24.70 6.20
N LYS A 67 17.85 -23.74 6.26
CA LYS A 67 17.84 -22.74 7.36
C LYS A 67 16.51 -22.01 7.37
N ILE A 68 16.21 -21.46 8.55
CA ILE A 68 15.01 -20.62 8.78
C ILE A 68 15.50 -19.31 9.37
N GLU A 69 15.02 -18.18 8.82
CA GLU A 69 15.38 -16.81 9.26
C GLU A 69 14.11 -16.10 9.72
N ARG A 70 14.12 -15.55 10.93
CA ARG A 70 13.14 -14.55 11.40
C ARG A 70 13.43 -13.22 10.68
N ILE A 71 12.40 -12.61 10.12
CA ILE A 71 12.48 -11.27 9.46
C ILE A 71 12.14 -10.24 10.52
N GLN A 72 13.12 -9.39 10.84
CA GLN A 72 12.89 -8.29 11.79
C GLN A 72 12.94 -7.03 10.94
N ASN A 73 11.79 -6.60 10.43
CA ASN A 73 11.63 -5.35 9.65
C ASN A 73 10.72 -4.40 10.46
N ALA A 74 11.30 -3.46 11.21
CA ALA A 74 10.55 -2.54 12.10
C ALA A 74 9.48 -1.80 11.29
N PHE A 75 9.81 -1.27 10.11
CA PHE A 75 8.87 -0.45 9.29
C PHE A 75 7.70 -1.35 8.87
N LEU A 76 7.98 -2.46 8.20
CA LEU A 76 6.89 -3.36 7.73
C LEU A 76 6.01 -3.75 8.92
N TRP A 77 6.60 -4.09 10.05
CA TRP A 77 5.86 -4.48 11.26
C TRP A 77 4.90 -3.36 11.67
N GLN A 78 5.40 -2.12 11.78
CA GLN A 78 4.63 -0.96 12.29
CA GLN A 78 4.60 -0.99 12.32
C GLN A 78 3.39 -0.78 11.41
N SER A 79 3.63 -0.69 10.11
CA SER A 79 2.56 -0.51 9.09
C SER A 79 1.54 -1.64 9.16
N TYR A 80 1.96 -2.89 9.31
CA TYR A 80 1.09 -4.08 9.50
C TYR A 80 0.26 -3.95 10.80
N GLN A 81 0.89 -3.60 11.90
CA GLN A 81 0.26 -3.59 13.23
C GLN A 81 -0.82 -2.52 13.20
N VAL A 82 -0.58 -1.43 12.46
CA VAL A 82 -1.55 -0.32 12.32
C VAL A 82 -2.76 -0.83 11.54
N LYS A 83 -2.53 -1.54 10.45
CA LYS A 83 -3.61 -2.11 9.62
C LYS A 83 -4.35 -3.15 10.49
N LYS A 84 -3.63 -3.86 11.33
CA LYS A 84 -4.25 -4.92 12.17
C LYS A 84 -5.22 -4.28 13.16
N ARG A 85 -4.82 -3.18 13.81
CA ARG A 85 -5.66 -2.47 14.82
C ARG A 85 -6.89 -1.88 14.11
N GLN A 86 -6.70 -1.34 12.92
CA GLN A 86 -7.80 -0.80 12.09
C GLN A 86 -8.81 -1.90 11.76
N MET A 87 -8.35 -3.08 11.35
CA MET A 87 -9.25 -4.20 10.94
C MET A 87 -9.94 -4.80 12.18
N ASP A 88 -9.31 -4.76 13.36
CA ASP A 88 -9.92 -5.28 14.61
C ASP A 88 -11.09 -4.36 15.01
N ILE A 89 -10.93 -3.05 14.83
CA ILE A 89 -11.95 -1.98 15.08
C ILE A 89 -13.09 -2.11 14.06
N LYS A 90 -12.77 -1.96 12.76
CA LYS A 90 -13.68 -2.19 11.61
C LYS A 90 -14.54 -3.44 11.83
N ASN A 91 -13.93 -4.59 12.13
CA ASN A 91 -14.68 -5.89 12.13
C ASN A 91 -15.25 -6.15 13.53
N ASP A 92 -14.81 -5.40 14.55
CA ASP A 92 -15.37 -5.47 15.93
C ASP A 92 -15.16 -6.87 16.55
N HIS A 93 -14.32 -7.72 15.95
CA HIS A 93 -13.71 -8.94 16.58
C HIS A 93 -12.22 -8.94 16.21
N LYS A 94 -11.45 -9.92 16.69
CA LYS A 94 -9.96 -9.87 16.66
C LYS A 94 -9.37 -11.11 15.94
N ASN A 95 -10.18 -11.89 15.22
CA ASN A 95 -9.69 -13.11 14.53
C ASN A 95 -9.48 -12.78 13.05
N ASN A 96 -8.60 -11.82 12.75
CA ASN A 96 -8.42 -11.28 11.38
C ASN A 96 -7.10 -11.77 10.78
N GLU A 97 -6.27 -12.45 11.58
CA GLU A 97 -4.91 -12.88 11.22
C GLU A 97 -4.88 -14.39 10.97
N ARG A 98 -4.14 -14.82 9.94
CA ARG A 98 -3.78 -16.23 9.63
C ARG A 98 -2.31 -16.31 9.24
N LEU A 99 -1.75 -17.48 9.46
CA LEU A 99 -0.37 -17.77 9.11
C LEU A 99 -0.38 -18.54 7.79
N LEU A 100 0.22 -17.97 6.77
CA LEU A 100 0.17 -18.55 5.41
C LEU A 100 1.58 -18.63 4.85
N PHE A 101 1.69 -19.26 3.69
CA PHE A 101 2.98 -19.47 3.02
C PHE A 101 2.97 -18.64 1.75
N HIS A 102 4.17 -18.32 1.28
CA HIS A 102 4.34 -17.68 -0.04
C HIS A 102 5.68 -18.13 -0.60
N GLY A 103 5.64 -18.85 -1.72
CA GLY A 103 6.82 -19.27 -2.49
C GLY A 103 7.28 -18.16 -3.41
N THR A 104 8.55 -17.82 -3.37
CA THR A 104 9.13 -16.75 -4.20
C THR A 104 10.45 -17.24 -4.81
N ASP A 105 10.86 -16.61 -5.91
CA ASP A 105 12.19 -16.88 -6.53
C ASP A 105 13.26 -16.12 -5.74
N ALA A 106 14.52 -16.55 -5.88
CA ALA A 106 15.71 -16.03 -5.16
C ALA A 106 15.81 -14.51 -5.36
N ASP A 107 15.52 -14.03 -6.57
CA ASP A 107 15.68 -12.61 -6.96
C ASP A 107 14.72 -11.72 -6.16
N SER A 108 13.58 -12.23 -5.69
CA SER A 108 12.53 -11.41 -5.05
C SER A 108 12.75 -11.34 -3.54
N VAL A 109 13.59 -12.23 -3.01
CA VAL A 109 13.81 -12.36 -1.54
C VAL A 109 14.25 -11.02 -0.93
N PRO A 110 15.31 -10.37 -1.43
CA PRO A 110 15.76 -9.11 -0.83
C PRO A 110 14.64 -8.06 -0.82
N TYR A 111 13.90 -7.98 -1.91
CA TYR A 111 12.79 -7.01 -2.00
C TYR A 111 11.73 -7.33 -0.93
N VAL A 112 11.33 -8.58 -0.81
CA VAL A 112 10.23 -8.94 0.14
C VAL A 112 10.69 -8.72 1.58
N ASN A 113 11.94 -9.07 1.89
CA ASN A 113 12.53 -8.88 3.24
C ASN A 113 12.41 -7.39 3.61
N GLN A 114 12.73 -6.51 2.67
CA GLN A 114 12.85 -5.05 2.94
C GLN A 114 11.50 -4.36 2.73
N HIS A 115 10.74 -4.74 1.71
CA HIS A 115 9.54 -3.98 1.29
C HIS A 115 8.24 -4.78 1.37
N GLY A 116 8.26 -6.07 1.67
CA GLY A 116 7.02 -6.85 1.83
C GLY A 116 6.46 -7.28 0.49
N PHE A 117 5.18 -7.60 0.40
CA PHE A 117 4.56 -8.17 -0.83
C PHE A 117 4.03 -7.03 -1.70
N ASN A 118 4.17 -7.15 -3.00
CA ASN A 118 3.73 -6.05 -3.90
C ASN A 118 2.92 -6.65 -5.05
N ARG A 119 1.61 -6.40 -5.04
CA ARG A 119 0.71 -6.89 -6.11
C ARG A 119 1.16 -6.42 -7.49
N SER A 120 1.84 -5.28 -7.63
CA SER A 120 2.26 -4.77 -8.96
C SER A 120 3.44 -5.58 -9.54
N CYS A 121 4.09 -6.49 -8.78
CA CYS A 121 5.27 -7.29 -9.26
C CYS A 121 4.82 -8.50 -10.11
N ASN A 125 2.66 -15.77 -13.13
CA ASN A 125 1.85 -16.44 -12.08
C ASN A 125 0.35 -16.11 -12.27
N ALA A 126 -0.48 -17.14 -12.50
CA ALA A 126 -1.94 -17.08 -12.64
C ALA A 126 -2.56 -16.23 -11.52
N VAL A 127 -3.51 -15.36 -11.88
CA VAL A 127 -4.25 -14.41 -11.00
C VAL A 127 -5.76 -14.64 -11.15
N SER A 128 -6.18 -15.92 -11.03
CA SER A 128 -7.55 -16.43 -11.26
C SER A 128 -8.56 -15.81 -10.30
N TYR A 129 -8.14 -15.35 -9.14
CA TYR A 129 -9.03 -14.92 -8.04
C TYR A 129 -8.82 -13.44 -7.75
N GLY A 130 -8.05 -12.75 -8.59
CA GLY A 130 -7.83 -11.30 -8.50
C GLY A 130 -6.38 -10.93 -8.60
N LYS A 131 -6.09 -9.66 -8.90
CA LYS A 131 -4.75 -9.07 -9.03
C LYS A 131 -4.27 -8.55 -7.68
N GLY A 132 -4.11 -9.48 -6.72
CA GLY A 132 -3.50 -9.21 -5.41
C GLY A 132 -2.26 -10.09 -5.22
N THR A 133 -1.76 -10.22 -4.00
CA THR A 133 -0.68 -11.19 -3.67
C THR A 133 -1.34 -12.46 -3.14
N TYR A 134 -0.83 -13.61 -3.55
CA TYR A 134 -1.38 -14.96 -3.25
C TYR A 134 -0.61 -15.58 -2.09
N PHE A 135 -1.35 -16.17 -1.12
CA PHE A 135 -0.85 -16.87 0.08
C PHE A 135 -1.56 -18.21 0.21
N ALA A 136 -0.77 -19.28 0.38
CA ALA A 136 -1.26 -20.67 0.46
C ALA A 136 -1.44 -21.08 1.92
N VAL A 137 -2.51 -21.79 2.20
CA VAL A 137 -2.70 -22.47 3.52
C VAL A 137 -1.63 -23.56 3.71
N ASP A 138 -1.37 -24.36 2.67
CA ASP A 138 -0.45 -25.51 2.74
C ASP A 138 0.89 -25.12 2.12
N ALA A 139 1.96 -25.37 2.89
CA ALA A 139 3.35 -25.24 2.44
C ALA A 139 3.55 -25.96 1.12
N SER A 140 2.93 -27.13 0.92
CA SER A 140 2.99 -27.94 -0.34
C SER A 140 2.63 -27.11 -1.59
N TYR A 141 1.63 -26.22 -1.49
CA TYR A 141 1.17 -25.38 -2.63
C TYR A 141 2.29 -24.41 -3.02
N SER A 142 2.83 -23.68 -2.03
CA SER A 142 3.92 -22.70 -2.23
C SER A 142 5.24 -23.39 -2.64
N ALA A 143 5.35 -24.69 -2.36
CA ALA A 143 6.57 -25.51 -2.60
C ALA A 143 6.73 -25.87 -4.09
N LYS A 144 5.69 -25.65 -4.91
CA LYS A 144 5.76 -25.85 -6.37
C LYS A 144 6.83 -24.92 -6.96
N ASP A 145 7.59 -25.44 -7.93
CA ASP A 145 8.68 -24.75 -8.67
C ASP A 145 8.19 -23.42 -9.31
N THR A 146 6.93 -23.32 -9.75
CA THR A 146 6.36 -22.08 -10.38
C THR A 146 6.35 -20.95 -9.32
N TYR A 147 6.24 -21.26 -8.02
CA TYR A 147 6.27 -20.24 -6.94
C TYR A 147 7.67 -20.14 -6.37
N SER A 148 8.10 -21.18 -5.63
CA SER A 148 9.42 -21.26 -4.97
C SER A 148 10.46 -21.78 -5.98
N LYS A 149 10.84 -20.93 -6.93
CA LYS A 149 11.68 -21.30 -8.11
C LYS A 149 13.07 -21.69 -7.62
N PRO A 150 13.51 -22.96 -7.81
CA PRO A 150 14.88 -23.33 -7.50
C PRO A 150 15.87 -22.33 -8.12
N ASP A 151 16.90 -21.94 -7.39
CA ASP A 151 18.03 -21.15 -7.96
C ASP A 151 19.04 -22.16 -8.50
N SER A 152 20.13 -21.71 -9.13
CA SER A 152 21.15 -22.56 -9.80
C SER A 152 21.65 -23.66 -8.86
N ASN A 153 21.74 -23.39 -7.55
CA ASN A 153 22.26 -24.34 -6.53
C ASN A 153 21.16 -25.28 -6.04
N GLY A 154 19.91 -25.05 -6.47
CA GLY A 154 18.76 -25.95 -6.21
C GLY A 154 17.98 -25.51 -4.98
N ARG A 155 18.34 -24.38 -4.40
CA ARG A 155 17.67 -23.83 -3.19
C ARG A 155 16.35 -23.17 -3.57
N LYS A 156 15.30 -23.52 -2.81
CA LYS A 156 13.93 -22.97 -2.90
C LYS A 156 13.70 -22.09 -1.67
N HIS A 157 12.83 -21.08 -1.79
CA HIS A 157 12.54 -20.07 -0.75
C HIS A 157 11.03 -19.92 -0.59
N MET A 158 10.59 -20.00 0.67
CA MET A 158 9.17 -19.87 1.07
C MET A 158 9.12 -19.01 2.34
N TYR A 159 8.21 -18.06 2.35
CA TYR A 159 7.93 -17.19 3.52
C TYR A 159 6.76 -17.80 4.26
N VAL A 160 6.88 -17.71 5.57
CA VAL A 160 5.76 -17.86 6.53
C VAL A 160 5.31 -16.43 6.80
N VAL A 161 4.06 -16.13 6.50
CA VAL A 161 3.55 -14.74 6.44
C VAL A 161 2.39 -14.60 7.41
N ARG A 162 2.40 -13.54 8.23
CA ARG A 162 1.18 -13.12 8.95
C ARG A 162 0.32 -12.33 7.96
N VAL A 163 -0.91 -12.78 7.76
CA VAL A 163 -1.85 -12.17 6.78
C VAL A 163 -3.14 -11.75 7.46
N LEU A 164 -3.51 -10.50 7.23
CA LEU A 164 -4.82 -9.98 7.71
C LEU A 164 -5.93 -10.35 6.72
N THR A 165 -6.41 -11.60 6.76
CA THR A 165 -7.46 -12.19 5.88
C THR A 165 -8.82 -11.59 6.25
N GLY A 166 -9.01 -11.25 7.53
CA GLY A 166 -10.24 -10.63 8.06
C GLY A 166 -11.50 -11.37 7.61
N VAL A 167 -12.47 -10.65 7.05
CA VAL A 167 -13.72 -11.22 6.47
C VAL A 167 -13.47 -11.40 4.97
N PHE A 168 -13.62 -12.64 4.50
CA PHE A 168 -13.27 -13.06 3.12
C PHE A 168 -14.49 -13.61 2.38
N THR A 169 -14.35 -13.69 1.05
CA THR A 169 -15.39 -14.16 0.10
C THR A 169 -14.72 -14.83 -1.10
N LYS A 170 -15.50 -15.46 -1.97
CA LYS A 170 -14.89 -16.11 -3.16
C LYS A 170 -14.41 -15.00 -4.09
N GLY A 171 -13.18 -15.11 -4.60
CA GLY A 171 -12.61 -14.17 -5.55
C GLY A 171 -12.99 -14.59 -6.96
N ARG A 172 -12.55 -13.86 -7.97
CA ARG A 172 -12.87 -14.11 -9.39
C ARG A 172 -11.84 -13.32 -10.20
N ALA A 173 -11.59 -13.72 -11.45
CA ALA A 173 -10.55 -13.08 -12.29
C ALA A 173 -10.88 -11.59 -12.45
N GLY A 174 -9.86 -10.75 -12.48
CA GLY A 174 -10.01 -9.32 -12.79
C GLY A 174 -10.17 -8.44 -11.56
N LEU A 175 -10.44 -8.98 -10.36
CA LEU A 175 -10.62 -8.09 -9.17
C LEU A 175 -9.37 -7.25 -8.96
N VAL A 176 -9.52 -5.98 -8.65
CA VAL A 176 -8.34 -5.16 -8.26
C VAL A 176 -8.39 -4.83 -6.79
N THR A 177 -9.58 -4.91 -6.16
CA THR A 177 -9.81 -4.90 -4.69
C THR A 177 -10.81 -6.00 -4.37
N PRO A 178 -11.00 -6.36 -3.08
CA PRO A 178 -12.03 -7.31 -2.71
C PRO A 178 -13.37 -6.68 -3.05
N PRO A 179 -14.44 -7.49 -3.27
CA PRO A 179 -15.77 -6.96 -3.53
C PRO A 179 -16.33 -6.28 -2.29
N PRO A 180 -17.38 -5.43 -2.46
CA PRO A 180 -18.10 -4.87 -1.30
C PRO A 180 -18.87 -5.93 -0.50
N LYS A 181 -19.03 -5.70 0.80
CA LYS A 181 -19.78 -6.55 1.76
C LYS A 181 -21.27 -6.31 1.59
N ASN A 182 -21.66 -5.31 0.80
CA ASN A 182 -23.05 -5.20 0.25
C ASN A 182 -23.04 -4.28 -0.97
N PRO A 183 -23.59 -4.72 -2.13
CA PRO A 183 -23.74 -3.84 -3.31
C PRO A 183 -24.40 -2.48 -3.03
N HIS A 184 -25.26 -2.40 -2.01
CA HIS A 184 -25.87 -1.13 -1.50
C HIS A 184 -24.75 -0.17 -1.04
N ASN A 185 -23.75 -0.67 -0.29
CA ASN A 185 -22.59 0.14 0.20
C ASN A 185 -21.31 -0.30 -0.50
N PRO A 186 -21.02 0.28 -1.69
CA PRO A 186 -19.95 -0.23 -2.55
C PRO A 186 -18.53 -0.06 -1.97
N THR A 187 -18.33 0.81 -0.97
CA THR A 187 -16.99 1.16 -0.41
C THR A 187 -16.67 0.37 0.86
N ASP A 188 -17.63 -0.37 1.40
CA ASP A 188 -17.38 -1.23 2.57
C ASP A 188 -16.95 -2.62 2.08
N LEU A 189 -15.66 -2.96 2.13
CA LEU A 189 -15.13 -4.11 1.37
C LEU A 189 -14.85 -5.30 2.28
N PHE A 190 -14.87 -6.52 1.73
CA PHE A 190 -14.21 -7.72 2.30
C PHE A 190 -12.73 -7.41 2.47
N ASP A 191 -12.01 -8.10 3.35
CA ASP A 191 -10.59 -7.83 3.65
C ASP A 191 -9.72 -8.65 2.70
N SER A 192 -10.22 -9.79 2.23
CA SER A 192 -9.49 -10.69 1.29
C SER A 192 -10.49 -11.56 0.51
N VAL A 193 -9.96 -12.31 -0.45
CA VAL A 193 -10.73 -13.30 -1.25
C VAL A 193 -10.01 -14.63 -1.19
N THR A 194 -10.75 -15.68 -1.48
CA THR A 194 -10.28 -17.08 -1.41
C THR A 194 -10.81 -17.86 -2.64
N ASN A 195 -10.21 -19.02 -2.92
CA ASN A 195 -10.76 -19.98 -3.91
C ASN A 195 -12.08 -20.62 -3.42
N ASN A 196 -12.24 -20.83 -2.11
CA ASN A 196 -13.33 -21.65 -1.49
C ASN A 196 -13.54 -21.16 -0.05
N THR A 197 -14.69 -20.56 0.25
CA THR A 197 -14.98 -19.95 1.58
C THR A 197 -15.12 -21.02 2.66
N ARG A 198 -15.65 -22.21 2.37
CA ARG A 198 -15.94 -23.25 3.41
C ARG A 198 -14.66 -23.99 3.76
N SER A 199 -13.72 -24.08 2.81
CA SER A 199 -12.47 -24.86 2.95
C SER A 199 -11.35 -24.19 2.18
N PRO A 200 -10.95 -22.95 2.56
CA PRO A 200 -9.97 -22.22 1.78
C PRO A 200 -8.58 -22.87 1.66
N LYS A 201 -7.97 -22.75 0.49
CA LYS A 201 -6.59 -23.19 0.28
C LYS A 201 -5.73 -22.01 -0.16
N LEU A 202 -6.34 -20.89 -0.53
CA LEU A 202 -5.50 -19.70 -0.78
C LEU A 202 -6.29 -18.44 -0.47
N PHE A 203 -5.51 -17.39 -0.15
CA PHE A 203 -6.03 -16.04 0.13
C PHE A 203 -5.27 -15.06 -0.76
N VAL A 204 -6.01 -14.09 -1.25
CA VAL A 204 -5.46 -12.94 -2.01
C VAL A 204 -5.71 -11.69 -1.17
N VAL A 205 -4.72 -10.82 -1.05
CA VAL A 205 -4.91 -9.49 -0.44
C VAL A 205 -4.44 -8.46 -1.45
N PHE A 206 -5.05 -7.27 -1.41
CA PHE A 206 -5.02 -6.25 -2.49
C PHE A 206 -4.42 -4.95 -1.97
N PHE A 207 -3.92 -4.94 -0.73
CA PHE A 207 -3.35 -3.73 -0.09
C PHE A 207 -1.96 -4.07 0.44
N ASP A 208 -1.04 -3.10 0.31
CA ASP A 208 0.30 -3.16 0.93
C ASP A 208 0.06 -3.25 2.45
N ASN A 209 0.87 -3.99 3.18
CA ASN A 209 0.84 -3.90 4.67
C ASN A 209 -0.40 -4.65 5.19
N GLN A 210 -0.97 -5.55 4.40
CA GLN A 210 -1.89 -6.57 4.93
C GLN A 210 -1.14 -7.87 5.20
N ALA A 211 0.17 -7.91 4.93
CA ALA A 211 0.97 -9.15 5.08
C ALA A 211 2.32 -8.80 5.65
N TYR A 212 2.70 -9.40 6.75
CA TYR A 212 4.06 -9.29 7.33
C TYR A 212 4.82 -10.58 7.09
N PRO A 213 5.94 -10.52 6.34
CA PRO A 213 6.76 -11.70 6.05
C PRO A 213 7.55 -12.03 7.31
N GLU A 214 7.23 -13.12 7.99
CA GLU A 214 7.75 -13.33 9.36
C GLU A 214 8.96 -14.27 9.37
N TYR A 215 8.95 -15.34 8.54
CA TYR A 215 10.07 -16.29 8.44
C TYR A 215 10.35 -16.57 6.97
N LEU A 216 11.62 -16.73 6.64
CA LEU A 216 12.11 -17.21 5.32
C LEU A 216 12.72 -18.59 5.54
N ILE A 217 12.12 -19.58 4.89
CA ILE A 217 12.63 -20.97 4.86
C ILE A 217 13.41 -21.15 3.57
N THR A 218 14.68 -21.53 3.68
CA THR A 218 15.54 -21.98 2.56
C THR A 218 15.53 -23.52 2.62
N PHE A 219 15.06 -24.17 1.54
CA PHE A 219 14.87 -25.63 1.51
C PHE A 219 15.21 -26.19 0.12
N THR A 220 15.21 -27.52 0.00
CA THR A 220 15.52 -28.26 -1.25
C THR A 220 14.61 -29.48 -1.40
N ALA A 221 14.47 -29.92 -2.64
CA ALA A 221 13.67 -31.07 -3.12
C ALA A 221 14.23 -32.37 -2.52
N ASN B 24 -3.61 10.11 16.93
CA ASN B 24 -2.82 11.27 16.37
C ASN B 24 -3.73 12.23 15.57
N LEU B 25 -5.07 12.21 15.74
CA LEU B 25 -5.97 13.01 14.86
C LEU B 25 -5.75 14.49 15.15
N PRO B 26 -5.50 15.30 14.10
CA PRO B 26 -5.10 16.71 14.28
C PRO B 26 -6.19 17.48 15.03
N GLU B 27 -5.81 18.46 15.87
CA GLU B 27 -6.74 19.13 16.83
C GLU B 27 -7.66 20.14 16.16
N HIS B 28 -7.43 20.50 14.89
CA HIS B 28 -8.25 21.48 14.14
C HIS B 28 -9.38 20.74 13.42
N TRP B 29 -9.31 19.41 13.33
CA TRP B 29 -10.41 18.59 12.78
C TRP B 29 -11.66 18.80 13.63
N THR B 30 -12.82 18.75 13.00
CA THR B 30 -14.11 18.77 13.72
C THR B 30 -14.28 17.44 14.44
N ASP B 31 -14.95 17.45 15.59
CA ASP B 31 -15.30 16.22 16.32
C ASP B 31 -16.07 15.31 15.36
N MET B 32 -15.84 14.02 15.43
CA MET B 32 -16.53 13.02 14.58
C MET B 32 -17.32 12.04 15.44
N ASN B 33 -17.48 12.33 16.74
CA ASN B 33 -18.28 11.51 17.71
C ASN B 33 -17.96 10.03 17.51
N HIS B 34 -16.66 9.68 17.58
CA HIS B 34 -16.14 8.30 17.49
C HIS B 34 -16.41 7.71 16.07
N GLN B 35 -16.92 8.49 15.11
CA GLN B 35 -16.93 8.15 13.66
C GLN B 35 -15.51 8.23 13.10
N LEU B 36 -15.29 7.53 11.99
CA LEU B 36 -13.96 7.29 11.37
C LEU B 36 -13.79 8.12 10.11
N PHE B 37 -14.89 8.63 9.56
CA PHE B 37 -14.87 9.39 8.29
C PHE B 37 -15.90 10.52 8.34
N CYS B 38 -15.52 11.68 7.78
CA CYS B 38 -16.32 12.91 7.77
C CYS B 38 -15.78 13.82 6.67
N MET B 39 -16.65 14.38 5.82
CA MET B 39 -16.28 15.48 4.89
C MET B 39 -16.72 16.80 5.51
N VAL B 40 -15.85 17.81 5.59
CA VAL B 40 -16.21 19.08 6.27
C VAL B 40 -16.14 20.18 5.24
N GLN B 41 -17.27 20.82 4.98
CA GLN B 41 -17.35 21.93 4.01
C GLN B 41 -16.68 23.16 4.63
N LEU B 42 -15.77 23.79 3.88
CA LEU B 42 -15.04 24.98 4.37
C LEU B 42 -15.81 26.26 4.03
N GLU B 43 -15.49 27.35 4.74
CA GLU B 43 -16.16 28.67 4.58
C GLU B 43 -15.18 29.63 3.92
N PRO B 44 -15.55 30.28 2.78
CA PRO B 44 -14.75 31.38 2.24
C PRO B 44 -14.43 32.44 3.30
N GLY B 45 -13.28 33.10 3.18
CA GLY B 45 -12.86 34.11 4.17
C GLY B 45 -11.99 33.54 5.29
N GLN B 46 -12.21 32.27 5.68
CA GLN B 46 -11.23 31.50 6.51
C GLN B 46 -9.95 31.26 5.71
N SER B 47 -8.80 31.34 6.39
CA SER B 47 -7.46 31.12 5.79
C SER B 47 -7.39 29.74 5.09
N GLU B 48 -8.01 28.72 5.69
CA GLU B 48 -7.93 27.33 5.18
C GLU B 48 -8.52 27.30 3.77
N TYR B 49 -9.75 27.77 3.61
CA TYR B 49 -10.41 27.82 2.30
C TYR B 49 -9.55 28.71 1.37
N ASN B 50 -9.23 29.91 1.82
CA ASN B 50 -8.60 30.96 0.96
C ASN B 50 -7.23 30.50 0.43
N THR B 51 -6.41 29.86 1.26
CA THR B 51 -5.09 29.36 0.81
C THR B 51 -5.27 28.29 -0.28
N ILE B 52 -6.23 27.38 -0.17
CA ILE B 52 -6.50 26.37 -1.25
C ILE B 52 -7.00 27.05 -2.52
N LYS B 53 -7.94 27.97 -2.40
CA LYS B 53 -8.47 28.73 -3.54
C LYS B 53 -7.29 29.35 -4.29
N ASP B 54 -6.42 30.06 -3.59
CA ASP B 54 -5.26 30.78 -4.19
C ASP B 54 -4.33 29.78 -4.89
N LYS B 55 -4.11 28.61 -4.30
CA LYS B 55 -3.21 27.58 -4.85
C LYS B 55 -3.80 27.12 -6.19
N PHE B 56 -5.10 26.92 -6.21
CA PHE B 56 -5.88 26.51 -7.40
C PHE B 56 -5.90 27.63 -8.46
N THR B 57 -6.30 28.86 -8.08
CA THR B 57 -6.58 29.95 -9.03
C THR B 57 -5.27 30.45 -9.65
N ARG B 58 -4.15 30.19 -8.96
CA ARG B 58 -2.79 30.44 -9.49
C ARG B 58 -2.73 30.02 -10.96
N THR B 59 -3.30 28.87 -11.34
CA THR B 59 -3.20 28.30 -12.72
C THR B 59 -4.58 28.02 -13.34
N CYS B 60 -5.68 28.16 -12.57
CA CYS B 60 -7.06 27.82 -12.98
C CYS B 60 -8.06 28.97 -12.79
N SER B 61 -7.66 30.21 -13.07
CA SER B 61 -8.46 31.44 -12.83
C SER B 61 -9.69 31.49 -13.74
N SER B 62 -9.72 30.68 -14.80
CA SER B 62 -10.88 30.64 -15.75
C SER B 62 -12.00 29.72 -15.21
N TYR B 63 -11.74 28.87 -14.21
CA TYR B 63 -12.77 28.01 -13.57
C TYR B 63 -13.28 28.75 -12.34
N ALA B 64 -14.33 28.23 -11.71
CA ALA B 64 -14.87 28.81 -10.47
C ALA B 64 -15.15 27.66 -9.52
N ILE B 65 -14.67 27.81 -8.28
CA ILE B 65 -14.90 26.81 -7.20
C ILE B 65 -16.38 26.87 -6.72
N GLU B 66 -16.99 25.70 -6.67
CA GLU B 66 -18.34 25.49 -6.08
C GLU B 66 -18.16 25.43 -4.57
N LYS B 67 -17.26 24.55 -4.12
CA LYS B 67 -17.02 24.31 -2.68
C LYS B 67 -15.70 23.56 -2.46
N ILE B 68 -15.20 23.65 -1.22
CA ILE B 68 -13.97 22.92 -0.79
C ILE B 68 -14.33 22.21 0.52
N GLU B 69 -14.12 20.89 0.53
CA GLU B 69 -14.41 20.05 1.71
C GLU B 69 -13.08 19.53 2.24
N ARG B 70 -12.92 19.57 3.58
CA ARG B 70 -11.81 18.92 4.27
C ARG B 70 -12.13 17.43 4.40
N ILE B 71 -11.17 16.57 4.05
CA ILE B 71 -11.37 15.09 4.17
C ILE B 71 -10.75 14.65 5.49
N GLN B 72 -11.59 14.17 6.42
CA GLN B 72 -11.19 13.63 7.72
C GLN B 72 -11.43 12.12 7.71
N ASN B 73 -10.42 11.35 7.32
CA ASN B 73 -10.46 9.87 7.24
C ASN B 73 -9.42 9.38 8.24
N ALA B 74 -9.88 8.90 9.40
CA ALA B 74 -9.02 8.56 10.55
C ALA B 74 -7.97 7.51 10.13
N PHE B 75 -8.39 6.42 9.49
CA PHE B 75 -7.52 5.27 9.11
C PHE B 75 -6.49 5.69 8.07
N LEU B 76 -6.88 6.38 7.01
CA LEU B 76 -5.94 6.79 5.94
C LEU B 76 -4.89 7.70 6.57
N TRP B 77 -5.32 8.61 7.43
CA TRP B 77 -4.44 9.62 8.07
C TRP B 77 -3.38 8.90 8.91
N GLN B 78 -3.79 7.92 9.71
CA GLN B 78 -2.86 7.13 10.55
C GLN B 78 -1.83 6.40 9.68
N SER B 79 -2.26 5.67 8.65
CA SER B 79 -1.35 4.87 7.77
C SER B 79 -0.42 5.83 7.04
N TYR B 80 -0.96 6.95 6.58
CA TYR B 80 -0.17 8.05 5.97
C TYR B 80 0.93 8.54 6.94
N GLN B 81 0.55 8.92 8.16
CA GLN B 81 1.50 9.51 9.14
C GLN B 81 2.58 8.48 9.49
N VAL B 82 2.24 7.19 9.54
CA VAL B 82 3.28 6.14 9.77
C VAL B 82 4.30 6.20 8.61
N LYS B 83 3.84 6.21 7.36
CA LYS B 83 4.77 6.25 6.20
C LYS B 83 5.58 7.55 6.24
N LYS B 84 4.97 8.67 6.65
CA LYS B 84 5.69 9.98 6.67
C LYS B 84 6.80 9.92 7.71
N ARG B 85 6.52 9.38 8.89
CA ARG B 85 7.52 9.31 9.98
C ARG B 85 8.66 8.36 9.55
N GLN B 86 8.33 7.23 8.92
CA GLN B 86 9.30 6.26 8.35
C GLN B 86 10.20 6.94 7.31
N MET B 87 9.63 7.73 6.41
CA MET B 87 10.43 8.42 5.38
C MET B 87 11.25 9.56 6.04
N ASP B 88 10.72 10.22 7.06
CA ASP B 88 11.47 11.30 7.77
C ASP B 88 12.72 10.67 8.45
N ILE B 89 12.60 9.48 9.04
CA ILE B 89 13.74 8.76 9.70
C ILE B 89 14.71 8.33 8.58
N LYS B 90 14.18 7.75 7.50
CA LYS B 90 15.04 7.14 6.45
C LYS B 90 15.89 8.23 5.79
N ASN B 91 15.28 9.33 5.37
CA ASN B 91 15.93 10.41 4.60
C ASN B 91 16.58 11.44 5.56
N ASP B 92 17.55 12.19 5.05
CA ASP B 92 18.41 13.19 5.76
C ASP B 92 17.75 14.58 5.84
N HIS B 93 16.88 14.86 6.83
CA HIS B 93 16.30 16.21 7.07
C HIS B 93 15.63 16.74 5.80
N LYS B 94 15.21 15.80 4.96
CA LYS B 94 14.60 16.07 3.64
CA LYS B 94 14.61 16.12 3.64
C LYS B 94 13.19 16.62 3.89
N ASN B 95 12.73 17.55 3.06
CA ASN B 95 11.31 17.95 3.06
C ASN B 95 10.60 16.92 2.20
N ASN B 96 9.90 15.97 2.82
CA ASN B 96 9.50 14.73 2.13
C ASN B 96 8.11 14.88 1.54
N GLU B 97 7.39 15.90 1.99
CA GLU B 97 5.95 16.00 1.72
C GLU B 97 5.68 17.24 0.88
N ARG B 98 4.95 17.07 -0.23
CA ARG B 98 4.52 18.18 -1.09
C ARG B 98 3.00 18.21 -1.07
N LEU B 99 2.43 19.39 -1.28
CA LEU B 99 0.99 19.52 -1.53
C LEU B 99 0.75 19.56 -3.03
N LEU B 100 0.02 18.58 -3.54
CA LEU B 100 -0.15 18.36 -4.99
C LEU B 100 -1.65 18.17 -5.31
N PHE B 101 -1.98 18.21 -6.59
CA PHE B 101 -3.35 18.10 -7.11
C PHE B 101 -3.59 16.75 -7.81
N HIS B 102 -4.84 16.30 -7.76
CA HIS B 102 -5.30 15.07 -8.43
C HIS B 102 -6.73 15.25 -8.96
N GLY B 103 -6.87 15.31 -10.30
CA GLY B 103 -8.16 15.32 -10.99
C GLY B 103 -8.70 13.90 -10.99
N THR B 104 -9.97 13.74 -10.66
CA THR B 104 -10.64 12.43 -10.90
C THR B 104 -12.10 12.59 -11.34
N ASP B 105 -12.70 11.47 -11.72
CA ASP B 105 -14.11 11.37 -12.13
C ASP B 105 -14.96 11.19 -10.86
N ALA B 106 -16.23 11.61 -10.96
CA ALA B 106 -17.23 11.56 -9.88
C ALA B 106 -17.34 10.13 -9.36
N ASP B 107 -17.28 9.15 -10.26
CA ASP B 107 -17.43 7.72 -9.91
C ASP B 107 -16.30 7.29 -8.95
N SER B 108 -15.13 7.95 -8.98
CA SER B 108 -13.93 7.58 -8.18
C SER B 108 -13.94 8.25 -6.80
N VAL B 109 -14.66 9.36 -6.64
CA VAL B 109 -14.60 10.20 -5.40
C VAL B 109 -14.97 9.38 -4.16
N PRO B 110 -16.06 8.59 -4.14
CA PRO B 110 -16.37 7.83 -2.93
C PRO B 110 -15.25 6.86 -2.53
N TYR B 111 -14.65 6.12 -3.48
CA TYR B 111 -13.55 5.16 -3.19
C TYR B 111 -12.36 5.94 -2.61
N VAL B 112 -11.94 7.01 -3.28
CA VAL B 112 -10.77 7.82 -2.84
C VAL B 112 -11.02 8.40 -1.44
N ASN B 113 -12.18 9.01 -1.19
CA ASN B 113 -12.56 9.60 0.13
C ASN B 113 -12.33 8.59 1.24
N GLN B 114 -12.81 7.38 1.04
CA GLN B 114 -12.78 6.27 2.04
C GLN B 114 -11.47 5.47 1.97
N HIS B 115 -10.91 5.20 0.79
CA HIS B 115 -9.78 4.23 0.69
C HIS B 115 -8.50 4.85 0.12
N GLY B 116 -8.52 6.11 -0.27
CA GLY B 116 -7.36 6.80 -0.84
C GLY B 116 -7.12 6.36 -2.28
N PHE B 117 -5.86 6.44 -2.70
CA PHE B 117 -5.41 6.34 -4.11
C PHE B 117 -4.78 4.97 -4.31
N ASN B 118 -5.30 4.24 -5.30
CA ASN B 118 -4.97 2.83 -5.57
C ASN B 118 -4.37 2.80 -6.97
N ARG B 119 -3.08 2.56 -7.07
CA ARG B 119 -2.31 2.47 -8.34
C ARG B 119 -2.93 1.42 -9.29
N SER B 120 -3.59 0.41 -8.74
CA SER B 120 -4.18 -0.67 -9.56
C SER B 120 -5.36 -0.10 -10.38
N CYS B 121 -5.87 1.09 -9.98
CA CYS B 121 -6.99 1.81 -10.63
C CYS B 121 -6.53 3.03 -11.44
N ALA B 122 -5.24 3.37 -11.39
CA ALA B 122 -4.66 4.58 -12.04
C ALA B 122 -4.91 4.55 -13.56
N GLY B 123 -5.19 5.72 -14.15
CA GLY B 123 -5.30 5.89 -15.61
C GLY B 123 -3.90 5.94 -16.22
N LYS B 124 -3.74 5.45 -17.46
CA LYS B 124 -2.44 5.63 -18.16
C LYS B 124 -2.33 7.13 -18.51
N ASN B 125 -1.29 7.80 -18.03
CA ASN B 125 -1.06 9.25 -18.28
C ASN B 125 -0.58 9.46 -19.72
N ALA B 126 -0.98 10.57 -20.35
CA ALA B 126 -0.61 10.92 -21.76
C ALA B 126 0.92 10.92 -21.89
N VAL B 127 1.66 11.37 -20.88
CA VAL B 127 3.15 11.20 -20.82
C VAL B 127 3.46 10.32 -19.61
N SER B 128 3.78 9.04 -19.82
CA SER B 128 3.94 8.06 -18.72
C SER B 128 5.37 8.06 -18.20
N TYR B 129 5.53 8.24 -16.90
CA TYR B 129 6.83 8.13 -16.17
C TYR B 129 6.77 6.99 -15.18
N GLY B 130 5.80 6.11 -15.35
CA GLY B 130 5.68 4.88 -14.56
C GLY B 130 4.23 4.51 -14.34
N LYS B 131 4.00 3.25 -13.97
CA LYS B 131 2.68 2.70 -13.68
C LYS B 131 2.34 2.97 -12.21
N GLY B 132 1.90 4.18 -11.91
CA GLY B 132 1.47 4.50 -10.54
C GLY B 132 0.46 5.60 -10.54
N THR B 133 0.19 6.16 -9.37
CA THR B 133 -0.77 7.26 -9.17
C THR B 133 -0.06 8.56 -9.47
N TYR B 134 -0.64 9.41 -10.32
CA TYR B 134 -0.04 10.69 -10.76
C TYR B 134 -0.62 11.83 -9.91
N PHE B 135 0.22 12.82 -9.60
CA PHE B 135 -0.12 14.07 -8.87
C PHE B 135 0.59 15.20 -9.58
N ALA B 136 -0.10 16.33 -9.71
CA ALA B 136 0.35 17.51 -10.45
C ALA B 136 0.75 18.61 -9.48
N VAL B 137 1.80 19.35 -9.84
CA VAL B 137 2.18 20.62 -9.18
C VAL B 137 1.10 21.67 -9.44
N ASP B 138 0.62 21.78 -10.68
CA ASP B 138 -0.33 22.84 -11.12
C ASP B 138 -1.75 22.29 -11.22
N ALA B 139 -2.70 22.96 -10.58
CA ALA B 139 -4.14 22.68 -10.69
C ALA B 139 -4.57 22.62 -12.16
N SER B 140 -3.99 23.46 -13.05
CA SER B 140 -4.32 23.53 -14.50
C SER B 140 -4.21 22.15 -15.15
N TYR B 141 -3.20 21.39 -14.75
CA TYR B 141 -2.90 20.06 -15.32
C TYR B 141 -4.05 19.12 -14.92
N SER B 142 -4.36 19.12 -13.62
CA SER B 142 -5.43 18.29 -13.02
C SER B 142 -6.82 18.72 -13.52
N ALA B 143 -6.98 19.97 -13.92
CA ALA B 143 -8.26 20.58 -14.40
C ALA B 143 -8.62 20.10 -15.82
N LYS B 144 -7.72 19.40 -16.52
CA LYS B 144 -8.02 18.86 -17.87
C LYS B 144 -9.15 17.84 -17.76
N ASP B 145 -10.05 17.87 -18.73
CA ASP B 145 -11.29 17.05 -18.70
C ASP B 145 -10.92 15.57 -18.66
N THR B 146 -9.76 15.19 -19.22
CA THR B 146 -9.21 13.82 -19.20
C THR B 146 -9.08 13.29 -17.76
N TYR B 147 -8.78 14.16 -16.80
CA TYR B 147 -8.56 13.80 -15.36
C TYR B 147 -9.81 14.11 -14.53
N SER B 148 -10.12 15.39 -14.38
CA SER B 148 -11.32 15.90 -13.67
C SER B 148 -12.51 15.89 -14.64
N LYS B 149 -12.97 14.70 -15.02
CA LYS B 149 -14.04 14.52 -16.03
C LYS B 149 -15.32 15.18 -15.50
N PRO B 150 -15.94 16.08 -16.30
CA PRO B 150 -17.20 16.71 -15.94
C PRO B 150 -18.25 15.65 -15.61
N ASP B 151 -18.92 15.76 -14.47
CA ASP B 151 -20.03 14.81 -14.16
C ASP B 151 -21.28 15.26 -14.96
N SER B 152 -22.39 14.54 -14.82
CA SER B 152 -23.65 14.82 -15.57
C SER B 152 -24.14 16.26 -15.27
N ASN B 153 -23.70 16.92 -14.19
CA ASN B 153 -24.18 18.27 -13.79
C ASN B 153 -23.13 19.32 -14.15
N GLY B 154 -22.04 18.92 -14.81
CA GLY B 154 -20.97 19.86 -15.24
C GLY B 154 -19.97 20.13 -14.12
N ARG B 155 -20.04 19.36 -13.03
CA ARG B 155 -19.13 19.55 -11.87
C ARG B 155 -17.85 18.78 -12.17
N LYS B 156 -16.73 19.42 -11.89
CA LYS B 156 -15.41 18.74 -11.93
C LYS B 156 -14.89 18.61 -10.51
N HIS B 157 -14.00 17.62 -10.28
CA HIS B 157 -13.53 17.15 -8.97
C HIS B 157 -12.00 17.06 -8.99
N MET B 158 -11.38 17.75 -8.05
CA MET B 158 -9.90 17.78 -7.92
C MET B 158 -9.54 17.66 -6.45
N TYR B 159 -8.70 16.72 -6.09
CA TYR B 159 -8.15 16.61 -4.73
C TYR B 159 -6.90 17.48 -4.57
N VAL B 160 -6.74 18.01 -3.36
CA VAL B 160 -5.46 18.58 -2.88
C VAL B 160 -4.89 17.55 -1.92
N VAL B 161 -3.67 17.12 -2.17
CA VAL B 161 -3.15 15.83 -1.65
C VAL B 161 -1.81 16.09 -1.00
N ARG B 162 -1.63 15.60 0.22
CA ARG B 162 -0.27 15.54 0.83
C ARG B 162 0.40 14.31 0.25
N VAL B 163 1.55 14.50 -0.38
CA VAL B 163 2.23 13.40 -1.09
C VAL B 163 3.63 13.27 -0.51
N LEU B 164 4.00 12.06 -0.10
CA LEU B 164 5.41 11.77 0.29
C LEU B 164 6.27 11.54 -0.96
N THR B 165 6.70 12.63 -1.59
CA THR B 165 7.58 12.65 -2.77
C THR B 165 9.02 12.28 -2.36
N GLY B 166 9.43 12.62 -1.14
CA GLY B 166 10.74 12.18 -0.62
C GLY B 166 11.89 12.53 -1.54
N VAL B 167 12.74 11.56 -1.86
CA VAL B 167 13.88 11.74 -2.81
C VAL B 167 13.43 11.14 -4.15
N PHE B 168 13.52 11.91 -5.22
CA PHE B 168 12.93 11.50 -6.52
C PHE B 168 13.94 11.60 -7.66
N THR B 169 13.62 10.92 -8.75
CA THR B 169 14.41 10.91 -9.99
C THR B 169 13.43 11.01 -11.16
N LYS B 170 13.92 11.29 -12.38
CA LYS B 170 13.11 11.22 -13.63
C LYS B 170 12.56 9.79 -13.80
N GLY B 171 11.25 9.67 -14.04
CA GLY B 171 10.61 8.34 -14.18
C GLY B 171 10.79 7.75 -15.59
N ARG B 172 10.22 6.58 -15.82
CA ARG B 172 10.26 5.80 -17.10
C ARG B 172 8.98 5.01 -17.16
N ALA B 173 8.37 4.89 -18.34
CA ALA B 173 7.04 4.26 -18.51
C ALA B 173 7.02 2.83 -17.95
N GLY B 174 8.15 2.09 -17.95
CA GLY B 174 8.17 0.66 -17.54
C GLY B 174 8.00 0.45 -16.02
N LEU B 175 8.24 1.49 -15.23
CA LEU B 175 8.39 1.32 -13.75
C LEU B 175 7.05 0.88 -13.15
N VAL B 176 7.05 -0.17 -12.33
CA VAL B 176 5.90 -0.55 -11.45
C VAL B 176 6.23 -0.27 -9.97
N THR B 177 7.50 0.07 -9.67
CA THR B 177 7.98 0.67 -8.40
C THR B 177 9.00 1.74 -8.74
N PRO B 178 9.42 2.63 -7.80
CA PRO B 178 10.41 3.65 -8.11
C PRO B 178 11.74 2.91 -8.32
N PRO B 179 12.68 3.48 -9.09
CA PRO B 179 13.89 2.73 -9.41
C PRO B 179 14.82 2.77 -8.19
N PRO B 180 15.77 1.82 -8.11
CA PRO B 180 16.84 1.90 -7.13
C PRO B 180 17.66 3.17 -7.30
N LYS B 181 18.22 3.68 -6.22
CA LYS B 181 19.19 4.82 -6.28
C LYS B 181 20.48 4.32 -6.92
N ASN B 182 20.75 3.02 -6.75
CA ASN B 182 22.01 2.35 -7.14
C ASN B 182 21.65 0.98 -7.73
N PRO B 183 22.06 0.68 -8.99
CA PRO B 183 21.71 -0.56 -9.65
C PRO B 183 22.21 -1.78 -8.87
N HIS B 184 23.27 -1.61 -8.05
CA HIS B 184 23.98 -2.71 -7.36
C HIS B 184 23.34 -2.97 -5.99
N ASN B 185 22.39 -2.11 -5.59
CA ASN B 185 21.51 -2.27 -4.39
C ASN B 185 20.06 -2.14 -4.84
N PRO B 186 19.48 -3.17 -5.48
CA PRO B 186 18.17 -3.04 -6.12
C PRO B 186 17.01 -2.69 -5.16
N THR B 187 17.16 -2.84 -3.84
CA THR B 187 16.07 -2.67 -2.84
C THR B 187 16.14 -1.30 -2.14
N ASP B 188 17.19 -0.51 -2.36
CA ASP B 188 17.25 0.87 -1.79
C ASP B 188 16.70 1.87 -2.83
N LEU B 189 15.42 2.27 -2.69
CA LEU B 189 14.63 2.92 -3.77
C LEU B 189 14.51 4.43 -3.56
N PHE B 190 14.37 5.15 -4.68
CA PHE B 190 13.78 6.51 -4.75
C PHE B 190 12.37 6.44 -4.12
N ASP B 191 11.90 7.53 -3.52
CA ASP B 191 10.55 7.55 -2.91
C ASP B 191 9.48 7.71 -4.00
N SER B 192 9.76 8.55 -4.98
CA SER B 192 8.85 8.83 -6.12
C SER B 192 9.67 9.13 -7.38
N VAL B 193 8.97 9.28 -8.49
CA VAL B 193 9.58 9.79 -9.74
C VAL B 193 8.79 11.01 -10.22
N THR B 194 9.41 11.78 -11.08
CA THR B 194 8.85 13.02 -11.65
C THR B 194 9.12 13.01 -13.17
N ASN B 195 8.62 14.03 -13.88
CA ASN B 195 8.79 14.15 -15.35
C ASN B 195 10.16 14.79 -15.64
N ASN B 196 10.66 15.58 -14.70
CA ASN B 196 11.82 16.49 -14.85
C ASN B 196 12.31 16.91 -13.46
N THR B 197 13.55 16.60 -13.07
CA THR B 197 13.97 16.83 -11.64
C THR B 197 14.34 18.29 -11.43
N ARG B 198 14.81 18.99 -12.46
CA ARG B 198 15.12 20.45 -12.42
C ARG B 198 13.84 21.29 -12.33
N SER B 199 12.73 20.84 -12.93
CA SER B 199 11.44 21.59 -13.02
C SER B 199 10.27 20.63 -12.86
N PRO B 200 9.99 20.10 -11.66
CA PRO B 200 8.99 19.04 -11.57
C PRO B 200 7.59 19.62 -11.75
N LYS B 201 6.78 18.98 -12.61
CA LYS B 201 5.36 19.32 -12.81
C LYS B 201 4.45 18.15 -12.41
N LEU B 202 4.93 16.92 -12.41
CA LEU B 202 4.15 15.77 -11.89
C LEU B 202 5.02 14.81 -11.07
N PHE B 203 4.38 14.05 -10.18
CA PHE B 203 5.05 13.02 -9.35
C PHE B 203 4.24 11.75 -9.47
N VAL B 204 4.94 10.62 -9.43
CA VAL B 204 4.27 9.31 -9.50
C VAL B 204 4.63 8.56 -8.24
N VAL B 205 3.66 7.90 -7.62
CA VAL B 205 3.96 7.13 -6.40
C VAL B 205 3.39 5.74 -6.60
N PHE B 206 4.07 4.77 -6.01
CA PHE B 206 3.96 3.36 -6.41
C PHE B 206 3.46 2.55 -5.22
N PHE B 207 3.24 3.20 -4.08
CA PHE B 207 2.85 2.46 -2.85
C PHE B 207 1.59 3.05 -2.24
N ASP B 208 0.86 2.20 -1.52
CA ASP B 208 -0.34 2.57 -0.72
C ASP B 208 0.07 3.52 0.41
N ASN B 209 -0.80 4.48 0.73
CA ASN B 209 -0.71 5.31 1.96
C ASN B 209 0.49 6.27 1.84
N GLN B 210 0.92 6.56 0.62
CA GLN B 210 2.05 7.49 0.37
C GLN B 210 1.46 8.86 0.00
N ALA B 211 0.13 8.94 -0.10
CA ALA B 211 -0.64 10.17 -0.38
C ALA B 211 -1.88 10.24 0.52
N TYR B 212 -2.13 11.41 1.10
CA TYR B 212 -3.33 11.64 1.92
C TYR B 212 -4.21 12.66 1.20
N PRO B 213 -5.42 12.26 0.79
CA PRO B 213 -6.35 13.16 0.10
C PRO B 213 -6.89 14.11 1.18
N GLU B 214 -6.44 15.36 1.20
CA GLU B 214 -6.75 16.31 2.31
C GLU B 214 -7.98 17.19 1.98
N TYR B 215 -8.12 17.68 0.75
CA TYR B 215 -9.29 18.50 0.35
C TYR B 215 -9.83 18.01 -0.99
N LEU B 216 -11.15 18.05 -1.10
CA LEU B 216 -11.88 17.91 -2.37
C LEU B 216 -12.38 19.28 -2.83
N ILE B 217 -11.91 19.73 -4.00
CA ILE B 217 -12.47 20.93 -4.69
C ILE B 217 -13.47 20.48 -5.76
N THR B 218 -14.71 20.94 -5.61
CA THR B 218 -15.77 20.85 -6.64
C THR B 218 -15.74 22.18 -7.40
N PHE B 219 -15.60 22.12 -8.73
CA PHE B 219 -15.51 23.33 -9.57
C PHE B 219 -16.22 23.06 -10.91
N THR B 220 -16.46 24.17 -11.60
CA THR B 220 -17.32 24.21 -12.81
C THR B 220 -16.68 25.24 -13.75
N ALA B 221 -17.04 25.16 -15.03
CA ALA B 221 -16.83 26.26 -16.00
C ALA B 221 -17.75 27.43 -15.61
#